data_3J2H
#
_entry.id   3J2H
#
_cell.length_a   1
_cell.length_b   1
_cell.length_c   1
_cell.angle_alpha   90
_cell.angle_beta   90
_cell.angle_gamma   90
#
_symmetry.space_group_name_H-M   'P 1'
#
_entity_poly.entity_id   1
_entity_poly.type   'polyribonucleotide'
_entity_poly.pdbx_seq_one_letter_code
;AAUUGAAGAGUUUGAUCAUGGCUCAGAUUGAACGCUGGCGGCAGGCCUAACACAUGCAAGUCGAACGGUAACAGGAAGAA
GCUUGCUUCUUUGCUGACGAGUGGCGGACGGGUGAGUAAUGUCUGGGAAACUGCCUGAUGGAGGGGGAUAACUACUGGAA
ACGGUAGCUAAUACCGCAUAACGUCGCAAGACCAAAGAGGGGGACCUUCGGGCCUCUUGCCAUCGGAUGUGCCCAGAUGG
GAUUAGCUAGUAGGUGGGGUAACGGCUCACCUAGGCGACGAUCCCUAGCUGGUCUGAGAGGAUGACCAGCCACACUGGAA
CUGAGACACGGUCCAGACUCCUACGGGAGGCAGCAGUGGGGAAUAUUGCACAAUGGGCGCAAGCCUGAUGCAGCCAUGCC
GCGUGUAUGAAGAAGGCCUUCGGGUUGUAAAGUACUUUCAGCGGGGAGGAAGGGAGUAAAGUUAAUACCUUUGCUCAUUG
ACGUUACCCGCAGAAGAAGCACCGGCUAACUCCGUGCCAGCAGCCGCGGUAAUACGGAGGGUGCAAGCGUUAAUCGGAAU
UACUGGGCGUAAAGCGCACGCAGGCGGUUUGUUAAGUCAGAUGUGAAAUCCCCGGGCUCAACCUGGGAACUGCAUCUGAU
ACUGGCAAGCUUGAGUCUCGUAGAGGGGGGUAGAAUUCCAGGUGUAGCGGUGAAAUGCGUAGAGAUCUGGAGGAAUACCG
GUGGCGAAGGCGGCCCCCUGGACGAAGACUGACGCUCAGGUGCGAAAGCGUGGGGAGCAAACAGGAUUAGAUACCCUGGU
AGUCCACGCCGUAAACGAUGUCGACUUGGAGGUUGUGCCCUUGAGGCGUGGCUUCCGGAGCUAACGCGUUAAGUCGACCG
CCUGGGGAGUACGGCCGCAAGGUUAAAACUCAAAUGAAUUGACGGGGGCCCGCACAAGCGGUGGAGCAUGUGGUUUAAUU
CGAUGCAACGCGAAGAACCUUACCUGGUCUUGACAUCCACGGAAGUUUUCAGAGAUGAGAAUGUGCCUUCGGGAACCGUG
AGACAGGUGCUGCAUGGCUGUCGUCAGCUCGUGUUGUGAAAUGUUGGGUUAAGUCCCGCAACGAGCGCAACCCUUAUCCU
UUGUUGCCAGCGGUCCGGCCGGGAACUCAAAGGAGACUGCCAGUGAUAAACUGGAGGAAGGUGGGGAUGACGUCAAGUCA
UCAUGGCCCUUACGACCAGGGCUACACACGUGCUACAAUGGCGCAUACAAAGAGAAGCGACCUCGCGAGAGCAAGCGGAC
CUCAUAAAGUGCGUCGUAGUCCGGAUUGGAGUCUGCAACUCGACUCCAUGAAGUCGGAAUCGCUAGUAAUCGUGGAUCAG
AAUGCCACGGUGAAUACGUUCCCGGGCCUUGUACACACCGCCCGUCACACCAUGGGAGUGGGUUGCAAAAGAAGUAGGUA
GCUUAACCUUCGGGAGGGCGCUUACCACUUUGUGAUUCAUGACUGGGGUGAAGUCGUAACAAGGUAACCGUAGGGGAACC
UGCGGUUGGAUCA
;
_entity_poly.pdbx_strand_id   N
#
loop_
_chem_comp.id
_chem_comp.type
_chem_comp.name
_chem_comp.formula
A RNA linking ADENOSINE-5'-MONOPHOSPHATE 'C10 H14 N5 O7 P'
C RNA linking CYTIDINE-5'-MONOPHOSPHATE 'C9 H14 N3 O8 P'
G RNA linking GUANOSINE-5'-MONOPHOSPHATE 'C10 H14 N5 O8 P'
U RNA linking URIDINE-5'-MONOPHOSPHATE 'C9 H13 N2 O9 P'
#